data_6EP7
#
_entry.id   6EP7
#
_cell.length_a   88.070
_cell.length_b   50.645
_cell.length_c   113.518
_cell.angle_alpha   90.00
_cell.angle_beta   108.54
_cell.angle_gamma   90.00
#
_symmetry.space_group_name_H-M   'C 1 2 1'
#
loop_
_entity.id
_entity.type
_entity.pdbx_description
1 polymer 'Glutathione S-transferase U23'
2 non-polymer GLUTATHIONE
3 non-polymer GLYCEROL
4 non-polymer 'MAGNESIUM ION'
5 water water
#
_entity_poly.entity_id   1
_entity_poly.type   'polypeptide(L)'
_entity_poly.pdbx_seq_one_letter_code
;MEEEIILLDYWASMYGMRTRIALEEKKVKYEYREEDLSNKSPLLLQMNPIHKKIPVLIHEGKPICESIIQVQYIDELWPD
TNPILPSDPYQRAQARFWADYIDKKTYVPCKALWSESGEKQEAAKIEFIEVLKTLDSELGDKYYFGGNEFGLVDIAFIGF
YSWFRTYEEVANLSIVLEFPKLMAWAQRCLKRESVAKALPDSDKVLKSVSDHRKIILGID
;
_entity_poly.pdbx_strand_id   A,B
#
loop_
_chem_comp.id
_chem_comp.type
_chem_comp.name
_chem_comp.formula
GOL non-polymer GLYCEROL 'C3 H8 O3'
GSH non-polymer GLUTATHIONE 'C10 H17 N3 O6 S'
MG non-polymer 'MAGNESIUM ION' 'Mg 2'
#
# COMPACT_ATOMS: atom_id res chain seq x y z
N GLU A 4 -11.17 -25.24 2.31
CA GLU A 4 -10.69 -24.92 3.64
C GLU A 4 -10.17 -23.49 3.73
N ILE A 5 -10.59 -22.78 4.76
CA ILE A 5 -10.08 -21.44 5.04
C ILE A 5 -9.67 -21.34 6.50
N ILE A 6 -8.40 -20.99 6.73
CA ILE A 6 -7.91 -20.70 8.06
C ILE A 6 -7.54 -19.21 8.14
N LEU A 7 -7.91 -18.55 9.22
CA LEU A 7 -7.49 -17.18 9.50
C LEU A 7 -6.66 -17.11 10.77
N LEU A 8 -5.38 -16.76 10.64
CA LEU A 8 -4.51 -16.54 11.79
C LEU A 8 -4.63 -15.08 12.16
N ASP A 9 -5.01 -14.80 13.40
CA ASP A 9 -5.40 -13.44 13.77
C ASP A 9 -5.12 -13.18 15.24
N TYR A 10 -5.28 -11.93 15.62
CA TYR A 10 -5.24 -11.50 17.01
C TYR A 10 -6.52 -10.72 17.28
N TRP A 11 -7.26 -11.10 18.33
CA TRP A 11 -8.63 -10.60 18.53
C TRP A 11 -8.80 -9.08 18.45
N ALA A 12 -7.87 -8.33 19.02
CA ALA A 12 -8.03 -6.86 19.04
C ALA A 12 -7.37 -6.18 17.84
N SER A 13 -6.93 -6.95 16.86
CA SER A 13 -6.31 -6.33 15.67
C SER A 13 -7.33 -5.73 14.74
N MET A 14 -7.28 -4.41 14.55
CA MET A 14 -8.20 -3.76 13.63
C MET A 14 -7.98 -4.22 12.18
N TYR A 15 -6.79 -4.75 11.89
CA TYR A 15 -6.50 -5.27 10.55
C TYR A 15 -7.14 -6.63 10.36
N GLY A 16 -6.96 -7.51 11.34
CA GLY A 16 -7.63 -8.79 11.36
C GLY A 16 -9.14 -8.61 11.28
N MET A 17 -9.66 -7.60 11.95
CA MET A 17 -11.10 -7.35 11.90
C MET A 17 -11.64 -7.17 10.47
N ARG A 18 -10.83 -6.56 9.61
CA ARG A 18 -11.23 -6.35 8.22
C ARG A 18 -11.49 -7.68 7.53
N THR A 19 -10.59 -8.62 7.75
CA THR A 19 -10.71 -9.91 7.10
C THR A 19 -11.84 -10.72 7.73
N ARG A 20 -12.00 -10.65 9.06
CA ARG A 20 -13.17 -11.23 9.71
C ARG A 20 -14.46 -10.73 9.08
N ILE A 21 -14.52 -9.42 8.86
CA ILE A 21 -15.72 -8.81 8.31
C ILE A 21 -15.99 -9.29 6.89
N ALA A 22 -14.94 -9.33 6.07
CA ALA A 22 -15.09 -9.74 4.67
C ALA A 22 -15.56 -11.19 4.56
N LEU A 23 -15.01 -12.07 5.40
CA LEU A 23 -15.40 -13.47 5.38
C LEU A 23 -16.88 -13.63 5.74
N GLU A 24 -17.31 -12.92 6.78
CA GLU A 24 -18.69 -12.96 7.22
C GLU A 24 -19.64 -12.29 6.22
N GLU A 25 -19.17 -11.24 5.56
CA GLU A 25 -19.95 -10.61 4.48
C GLU A 25 -20.28 -11.64 3.40
N LYS A 26 -19.35 -12.56 3.16
CA LYS A 26 -19.55 -13.60 2.13
C LYS A 26 -20.18 -14.85 2.70
N LYS A 27 -20.42 -14.86 4.01
CA LYS A 27 -21.03 -16.01 4.69
C LYS A 27 -20.22 -17.29 4.53
N VAL A 28 -18.90 -17.19 4.46
CA VAL A 28 -18.13 -18.43 4.38
C VAL A 28 -17.72 -18.91 5.77
N LYS A 29 -17.71 -20.23 5.94
CA LYS A 29 -17.21 -20.84 7.16
C LYS A 29 -15.68 -20.93 7.07
N TYR A 30 -15.01 -20.76 8.19
CA TYR A 30 -13.56 -20.79 8.21
C TYR A 30 -13.10 -21.09 9.64
N GLU A 31 -11.86 -21.55 9.78
CA GLU A 31 -11.31 -21.74 11.11
C GLU A 31 -10.54 -20.50 11.55
N TYR A 32 -10.96 -19.90 12.65
CA TYR A 32 -10.25 -18.78 13.26
C TYR A 32 -9.21 -19.34 14.22
N ARG A 33 -7.99 -18.85 14.15
CA ARG A 33 -6.96 -19.24 15.12
C ARG A 33 -6.31 -18.02 15.75
N GLU A 34 -6.44 -17.90 17.06
CA GLU A 34 -5.84 -16.80 17.82
C GLU A 34 -4.33 -16.97 17.97
N GLU A 35 -3.56 -15.98 17.51
CA GLU A 35 -2.10 -15.99 17.65
C GLU A 35 -1.65 -15.20 18.88
N ASP A 36 -0.72 -15.75 19.63
CA ASP A 36 0.01 -15.01 20.64
C ASP A 36 1.16 -14.31 19.92
N LEU A 37 1.07 -12.99 19.79
CA LEU A 37 2.03 -12.26 18.97
C LEU A 37 3.41 -12.17 19.64
N SER A 38 3.48 -12.56 20.91
CA SER A 38 4.77 -12.63 21.59
C SER A 38 5.35 -14.04 21.47
N ASN A 39 4.56 -14.95 20.91
CA ASN A 39 5.00 -16.34 20.76
C ASN A 39 4.35 -16.93 19.51
N LYS A 40 4.80 -16.44 18.36
CA LYS A 40 4.14 -16.71 17.09
C LYS A 40 4.20 -18.18 16.71
N SER A 41 3.11 -18.67 16.14
CA SER A 41 3.02 -20.10 15.81
C SER A 41 3.97 -20.43 14.65
N PRO A 42 4.38 -21.69 14.57
CA PRO A 42 5.17 -22.14 13.41
C PRO A 42 4.41 -21.93 12.11
N LEU A 43 3.11 -22.15 12.14
CA LEU A 43 2.30 -21.92 10.95
C LEU A 43 2.38 -20.45 10.51
N LEU A 44 2.26 -19.53 11.46
CA LEU A 44 2.34 -18.10 11.14
C LEU A 44 3.68 -17.76 10.48
N LEU A 45 4.77 -18.29 11.02
CA LEU A 45 6.09 -17.98 10.48
C LEU A 45 6.30 -18.59 9.08
N GLN A 46 5.75 -19.79 8.86
CA GLN A 46 5.83 -20.46 7.57
C GLN A 46 5.03 -19.72 6.49
N MET A 47 3.87 -19.21 6.87
CA MET A 47 2.91 -18.67 5.92
C MET A 47 3.16 -17.19 5.61
N ASN A 48 3.71 -16.46 6.58
CA ASN A 48 4.06 -15.05 6.34
C ASN A 48 5.53 -14.78 6.72
N PRO A 49 6.48 -15.42 6.02
CA PRO A 49 7.87 -15.27 6.44
C PRO A 49 8.40 -13.84 6.25
N ILE A 50 7.83 -13.12 5.28
CA ILE A 50 8.31 -11.76 4.97
C ILE A 50 8.02 -10.78 6.12
N HIS A 51 6.75 -10.69 6.53
CA HIS A 51 6.35 -9.71 7.55
C HIS A 51 6.14 -10.33 8.93
N LYS A 52 5.81 -11.61 8.96
CA LYS A 52 5.49 -12.31 10.22
C LYS A 52 4.37 -11.61 10.99
N LYS A 53 3.36 -11.13 10.29
CA LYS A 53 2.25 -10.43 10.91
C LYS A 53 0.96 -11.17 10.71
N ILE A 54 0.00 -10.89 11.58
CA ILE A 54 -1.37 -11.31 11.35
C ILE A 54 -2.05 -10.07 10.80
N PRO A 55 -3.21 -10.23 10.14
CA PRO A 55 -3.91 -11.46 9.79
C PRO A 55 -3.21 -12.21 8.66
N VAL A 56 -3.22 -13.54 8.74
CA VAL A 56 -2.85 -14.36 7.61
C VAL A 56 -4.03 -15.22 7.20
N LEU A 57 -4.40 -15.15 5.93
CA LEU A 57 -5.51 -15.94 5.40
C LEU A 57 -4.94 -17.12 4.64
N ILE A 58 -5.35 -18.33 5.02
CA ILE A 58 -4.85 -19.52 4.38
C ILE A 58 -5.98 -20.23 3.67
N HIS A 59 -5.91 -20.28 2.35
CA HIS A 59 -7.00 -20.83 1.57
C HIS A 59 -6.53 -22.06 0.81
N GLU A 60 -7.09 -23.21 1.16
CA GLU A 60 -6.65 -24.49 0.58
C GLU A 60 -5.15 -24.63 0.72
N GLY A 61 -4.62 -24.20 1.86
CA GLY A 61 -3.20 -24.35 2.15
C GLY A 61 -2.28 -23.26 1.62
N LYS A 62 -2.84 -22.32 0.86
CA LYS A 62 -2.05 -21.24 0.26
C LYS A 62 -2.30 -19.92 0.99
N PRO A 63 -1.23 -19.23 1.40
CA PRO A 63 -1.31 -18.00 2.19
C PRO A 63 -1.58 -16.74 1.37
N ILE A 64 -2.40 -15.87 1.94
CA ILE A 64 -2.59 -14.53 1.41
C ILE A 64 -2.34 -13.56 2.55
N CYS A 65 -1.39 -12.65 2.39
CA CYS A 65 -1.02 -11.73 3.45
C CYS A 65 -1.47 -10.29 3.12
N GLU A 66 -1.58 -9.47 4.16
CA GLU A 66 -2.01 -8.06 4.13
C GLU A 66 -3.53 -7.94 4.05
N SER A 67 -4.10 -7.34 5.08
CA SER A 67 -5.55 -7.36 5.24
C SER A 67 -6.30 -6.77 4.05
N ILE A 68 -5.87 -5.63 3.51
CA ILE A 68 -6.65 -5.04 2.42
C ILE A 68 -6.57 -5.93 1.17
N ILE A 69 -5.44 -6.58 0.97
CA ILE A 69 -5.29 -7.56 -0.12
C ILE A 69 -6.18 -8.78 0.12
N GLN A 70 -6.28 -9.21 1.38
CA GLN A 70 -7.17 -10.32 1.73
C GLN A 70 -8.63 -9.97 1.47
N VAL A 71 -9.02 -8.75 1.82
CA VAL A 71 -10.40 -8.34 1.59
C VAL A 71 -10.74 -8.37 0.10
N GLN A 72 -9.84 -7.86 -0.72
CA GLN A 72 -10.05 -7.85 -2.18
C GLN A 72 -10.08 -9.25 -2.76
N TYR A 73 -9.20 -10.12 -2.25
CA TYR A 73 -9.18 -11.53 -2.64
C TYR A 73 -10.54 -12.18 -2.38
N ILE A 74 -11.03 -11.98 -1.15
CA ILE A 74 -12.32 -12.53 -0.75
C ILE A 74 -13.43 -11.95 -1.62
N ASP A 75 -13.35 -10.65 -1.91
CA ASP A 75 -14.37 -10.03 -2.76
C ASP A 75 -14.32 -10.62 -4.16
N GLU A 76 -13.12 -10.91 -4.66
CA GLU A 76 -12.99 -11.44 -6.02
C GLU A 76 -13.36 -12.92 -6.12
N LEU A 77 -13.22 -13.67 -5.02
CA LEU A 77 -13.64 -15.06 -4.99
C LEU A 77 -15.17 -15.17 -4.96
N TRP A 78 -15.83 -14.28 -4.23
CA TRP A 78 -17.29 -14.31 -4.09
C TRP A 78 -17.88 -12.93 -4.38
N PRO A 79 -17.83 -12.52 -5.66
CA PRO A 79 -18.17 -11.15 -6.04
C PRO A 79 -19.66 -10.86 -6.00
N ASP A 80 -20.48 -11.91 -5.98
CA ASP A 80 -21.92 -11.68 -6.14
C ASP A 80 -22.68 -11.58 -4.82
N THR A 81 -22.03 -11.98 -3.74
CA THR A 81 -22.63 -11.90 -2.41
C THR A 81 -22.07 -10.72 -1.67
N ASN A 82 -22.91 -9.72 -1.42
CA ASN A 82 -22.46 -8.49 -0.76
C ASN A 82 -21.15 -7.97 -1.33
N PRO A 83 -21.17 -7.51 -2.60
CA PRO A 83 -19.98 -6.94 -3.23
C PRO A 83 -19.40 -5.82 -2.39
N ILE A 84 -18.09 -5.88 -2.16
CA ILE A 84 -17.43 -4.91 -1.28
C ILE A 84 -16.88 -3.71 -2.06
N LEU A 85 -16.10 -3.98 -3.12
CA LEU A 85 -15.54 -2.90 -3.94
C LEU A 85 -16.57 -2.44 -4.98
N PRO A 86 -16.52 -1.14 -5.35
CA PRO A 86 -17.39 -0.65 -6.44
C PRO A 86 -17.12 -1.40 -7.75
N SER A 87 -18.08 -1.41 -8.65
CA SER A 87 -17.87 -2.04 -9.95
C SER A 87 -17.20 -1.07 -10.92
N ASP A 88 -17.42 0.22 -10.71
CA ASP A 88 -16.80 1.24 -11.56
C ASP A 88 -15.30 1.40 -11.30
N PRO A 89 -14.47 1.30 -12.35
CA PRO A 89 -13.02 1.41 -12.13
C PRO A 89 -12.56 2.69 -11.41
N TYR A 90 -13.09 3.86 -11.76
CA TYR A 90 -12.67 5.08 -11.04
C TYR A 90 -13.06 5.03 -9.56
N GLN A 91 -14.29 4.65 -9.27
CA GLN A 91 -14.73 4.58 -7.87
C GLN A 91 -13.89 3.53 -7.12
N ARG A 92 -13.52 2.47 -7.82
CA ARG A 92 -12.67 1.44 -7.20
C ARG A 92 -11.29 2.00 -6.86
N ALA A 93 -10.73 2.78 -7.78
CA ALA A 93 -9.45 3.43 -7.53
C ALA A 93 -9.51 4.34 -6.31
N GLN A 94 -10.62 5.05 -6.13
CA GLN A 94 -10.75 5.95 -4.99
C GLN A 94 -10.88 5.16 -3.69
N ALA A 95 -11.62 4.07 -3.74
CA ALA A 95 -11.74 3.21 -2.55
C ALA A 95 -10.35 2.69 -2.14
N ARG A 96 -9.57 2.21 -3.11
CA ARG A 96 -8.21 1.73 -2.82
C ARG A 96 -7.34 2.85 -2.27
N PHE A 97 -7.49 4.05 -2.83
CA PHE A 97 -6.71 5.19 -2.36
C PHE A 97 -6.95 5.47 -0.89
N TRP A 98 -8.21 5.51 -0.49
CA TRP A 98 -8.53 5.83 0.91
C TRP A 98 -8.17 4.69 1.88
N ALA A 99 -8.27 3.45 1.42
CA ALA A 99 -7.81 2.34 2.27
C ALA A 99 -6.28 2.44 2.43
N ASP A 100 -5.59 2.84 1.37
CA ASP A 100 -4.13 3.01 1.43
C ASP A 100 -3.76 4.16 2.37
N TYR A 101 -4.49 5.26 2.25
CA TYR A 101 -4.32 6.42 3.13
C TYR A 101 -4.42 5.97 4.58
N ILE A 102 -5.48 5.24 4.91
CA ILE A 102 -5.65 4.74 6.27
C ILE A 102 -4.47 3.87 6.71
N ASP A 103 -4.08 2.89 5.91
CA ASP A 103 -2.93 2.01 6.24
C ASP A 103 -1.68 2.85 6.52
N LYS A 104 -1.37 3.78 5.62
CA LYS A 104 -0.13 4.53 5.74
C LYS A 104 -0.10 5.49 6.92
N LYS A 105 -1.21 6.15 7.20
CA LYS A 105 -1.18 7.19 8.21
C LYS A 105 -1.44 6.65 9.61
N THR A 106 -2.01 5.45 9.72
CA THR A 106 -2.36 4.92 11.05
C THR A 106 -1.35 3.93 11.59
N TYR A 107 -0.53 3.36 10.71
CA TYR A 107 0.29 2.23 11.11
C TYR A 107 1.19 2.54 12.30
N VAL A 108 1.97 3.61 12.21
CA VAL A 108 2.84 3.98 13.32
C VAL A 108 2.09 4.71 14.45
N PRO A 109 1.33 5.78 14.14
CA PRO A 109 0.71 6.53 15.24
C PRO A 109 -0.18 5.69 16.15
N CYS A 110 -0.99 4.79 15.58
CA CYS A 110 -1.94 4.07 16.40
C CYS A 110 -1.26 3.08 17.34
N LYS A 111 -0.12 2.53 16.92
CA LYS A 111 0.68 1.72 17.83
C LYS A 111 1.24 2.61 18.94
N ALA A 112 1.71 3.80 18.58
CA ALA A 112 2.36 4.69 19.55
C ALA A 112 1.37 5.33 20.53
N LEU A 113 0.10 5.44 20.10
CA LEU A 113 -0.95 6.00 20.95
C LEU A 113 -1.01 5.26 22.28
N TRP A 114 -0.94 3.93 22.23
CA TRP A 114 -1.02 3.15 23.47
C TRP A 114 0.34 2.65 23.99
N SER A 115 1.35 2.57 23.13
CA SER A 115 2.62 2.01 23.57
C SER A 115 3.67 3.05 23.94
N GLU A 116 3.44 4.32 23.60
CA GLU A 116 4.45 5.33 23.89
C GLU A 116 3.96 6.36 24.89
N SER A 117 4.87 7.23 25.33
CA SER A 117 4.52 8.40 26.10
C SER A 117 5.34 9.59 25.61
N GLY A 118 5.26 10.71 26.32
CA GLY A 118 6.09 11.86 26.02
C GLY A 118 5.95 12.37 24.61
N GLU A 119 7.07 12.74 24.02
CA GLU A 119 7.09 13.36 22.70
C GLU A 119 6.52 12.45 21.62
N LYS A 120 6.84 11.17 21.68
CA LYS A 120 6.39 10.23 20.64
C LYS A 120 4.87 10.03 20.67
N GLN A 121 4.29 9.93 21.86
CA GLN A 121 2.84 9.78 21.98
C GLN A 121 2.14 11.07 21.56
N GLU A 122 2.73 12.21 21.91
CA GLU A 122 2.18 13.50 21.51
C GLU A 122 2.14 13.63 20.01
N ALA A 123 3.23 13.23 19.35
CA ALA A 123 3.27 13.25 17.90
C ALA A 123 2.18 12.38 17.34
N ALA A 124 1.98 11.23 17.97
CA ALA A 124 1.01 10.25 17.47
C ALA A 124 -0.40 10.79 17.59
N LYS A 125 -0.66 11.52 18.66
CA LYS A 125 -1.97 12.11 18.89
C LYS A 125 -2.26 13.13 17.79
N ILE A 126 -1.28 14.00 17.51
CA ILE A 126 -1.42 14.98 16.44
C ILE A 126 -1.73 14.29 15.12
N GLU A 127 -0.99 13.24 14.81
CA GLU A 127 -1.18 12.54 13.55
C GLU A 127 -2.53 11.84 13.51
N PHE A 128 -2.94 11.18 14.58
CA PHE A 128 -4.19 10.44 14.50
C PHE A 128 -5.39 11.40 14.46
N ILE A 129 -5.33 12.54 15.12
CA ILE A 129 -6.43 13.48 15.03
CA ILE A 129 -6.42 13.50 15.04
C ILE A 129 -6.56 13.98 13.59
N GLU A 130 -5.42 14.17 12.93
CA GLU A 130 -5.42 14.58 11.52
C GLU A 130 -6.11 13.56 10.64
N VAL A 131 -5.84 12.28 10.92
CA VAL A 131 -6.51 11.20 10.25
C VAL A 131 -8.01 11.27 10.47
N LEU A 132 -8.42 11.51 11.72
CA LEU A 132 -9.85 11.55 11.99
C LEU A 132 -10.51 12.69 11.22
N LYS A 133 -9.89 13.87 11.27
CA LYS A 133 -10.43 15.04 10.59
C LYS A 133 -10.52 14.84 9.10
N THR A 134 -9.47 14.27 8.52
CA THR A 134 -9.43 13.98 7.08
C THR A 134 -10.51 12.97 6.67
N LEU A 135 -10.66 11.88 7.43
CA LEU A 135 -11.68 10.90 7.12
C LEU A 135 -13.09 11.47 7.32
N ASP A 136 -13.25 12.29 8.36
CA ASP A 136 -14.54 12.92 8.61
C ASP A 136 -14.93 13.79 7.43
N SER A 137 -13.97 14.55 6.90
CA SER A 137 -14.23 15.37 5.73
CA SER A 137 -14.20 15.38 5.72
C SER A 137 -14.54 14.54 4.50
N GLU A 138 -13.82 13.42 4.34
CA GLU A 138 -14.06 12.55 3.19
C GLU A 138 -15.43 11.88 3.29
N LEU A 139 -15.79 11.41 4.49
CA LEU A 139 -17.13 10.88 4.67
C LEU A 139 -18.20 11.93 4.37
N GLY A 140 -18.00 13.14 4.89
CA GLY A 140 -18.95 14.21 4.65
C GLY A 140 -20.34 13.86 5.18
N ASP A 141 -21.33 13.98 4.31
CA ASP A 141 -22.71 13.70 4.69
C ASP A 141 -23.22 12.37 4.16
N LYS A 142 -22.33 11.53 3.65
CA LYS A 142 -22.74 10.22 3.16
C LYS A 142 -22.98 9.24 4.31
N TYR A 143 -23.77 8.20 4.05
CA TYR A 143 -24.04 7.22 5.09
C TYR A 143 -22.78 6.39 5.33
N TYR A 144 -22.04 6.12 4.25
CA TYR A 144 -20.83 5.31 4.32
C TYR A 144 -19.69 5.95 3.52
N PHE A 145 -18.44 5.58 3.81
CA PHE A 145 -17.36 6.01 2.94
C PHE A 145 -17.65 5.51 1.53
N GLY A 146 -18.29 4.33 1.45
CA GLY A 146 -18.66 3.75 0.18
C GLY A 146 -19.87 4.39 -0.47
N GLY A 147 -20.31 5.55 0.02
CA GLY A 147 -21.54 6.19 -0.40
C GLY A 147 -22.81 5.68 0.26
N ASN A 148 -23.75 5.23 -0.54
CA ASN A 148 -25.02 4.72 -0.04
C ASN A 148 -24.94 3.33 0.55
N GLU A 149 -23.84 2.65 0.27
CA GLU A 149 -23.67 1.29 0.78
C GLU A 149 -22.28 1.08 1.41
N PHE A 150 -22.26 0.23 2.43
CA PHE A 150 -21.08 -0.26 3.12
C PHE A 150 -20.06 -0.80 2.10
N GLY A 151 -18.81 -0.34 2.17
CA GLY A 151 -17.83 -0.74 1.18
C GLY A 151 -16.43 -0.94 1.74
N LEU A 152 -15.43 -0.96 0.86
CA LEU A 152 -14.05 -1.24 1.24
C LEU A 152 -13.51 -0.31 2.31
N VAL A 153 -13.69 0.99 2.13
CA VAL A 153 -13.12 1.93 3.08
C VAL A 153 -13.80 1.83 4.47
N ASP A 154 -15.10 1.53 4.48
CA ASP A 154 -15.80 1.29 5.74
C ASP A 154 -15.16 0.10 6.47
N ILE A 155 -14.93 -0.97 5.73
CA ILE A 155 -14.25 -2.13 6.31
C ILE A 155 -12.83 -1.71 6.77
N ALA A 156 -12.17 -0.87 6.00
CA ALA A 156 -10.76 -0.54 6.32
C ALA A 156 -10.65 0.23 7.63
N PHE A 157 -11.68 0.99 7.98
CA PHE A 157 -11.57 1.82 9.18
C PHE A 157 -12.41 1.39 10.38
N ILE A 158 -13.46 0.59 10.16
CA ILE A 158 -14.45 0.38 11.22
C ILE A 158 -13.82 -0.30 12.43
N GLY A 159 -12.84 -1.17 12.23
CA GLY A 159 -12.18 -1.81 13.35
C GLY A 159 -11.53 -0.82 14.33
N PHE A 160 -11.06 0.31 13.81
CA PHE A 160 -10.46 1.35 14.67
C PHE A 160 -11.44 1.90 15.70
N TYR A 161 -12.73 1.85 15.37
CA TYR A 161 -13.76 2.30 16.31
C TYR A 161 -13.67 1.60 17.67
N SER A 162 -13.37 0.31 17.65
CA SER A 162 -13.30 -0.47 18.88
C SER A 162 -12.12 -0.04 19.76
N TRP A 163 -11.23 0.77 19.21
CA TRP A 163 -10.09 1.32 19.96
C TRP A 163 -10.27 2.78 20.39
N PHE A 164 -11.34 3.43 19.94
CA PHE A 164 -11.54 4.84 20.26
C PHE A 164 -11.51 5.10 21.77
N ARG A 165 -12.20 4.29 22.54
CA ARG A 165 -12.20 4.49 23.99
C ARG A 165 -10.80 4.35 24.57
N THR A 166 -10.04 3.39 24.06
CA THR A 166 -8.66 3.21 24.49
C THR A 166 -7.84 4.48 24.22
N TYR A 167 -7.92 5.03 23.00
CA TYR A 167 -7.13 6.19 22.66
C TYR A 167 -7.54 7.39 23.55
N GLU A 168 -8.82 7.55 23.78
CA GLU A 168 -9.29 8.63 24.65
C GLU A 168 -8.70 8.51 26.05
N GLU A 169 -8.68 7.28 26.55
CA GLU A 169 -8.23 7.03 27.92
C GLU A 169 -6.70 7.05 28.05
N VAL A 170 -5.97 6.37 27.17
CA VAL A 170 -4.54 6.24 27.40
C VAL A 170 -3.75 7.38 26.76
N ALA A 171 -4.36 8.08 25.80
CA ALA A 171 -3.66 9.18 25.12
C ALA A 171 -4.34 10.53 25.37
N ASN A 172 -5.34 10.54 26.24
CA ASN A 172 -6.06 11.76 26.58
C ASN A 172 -6.59 12.45 25.33
N LEU A 173 -7.08 11.67 24.39
CA LEU A 173 -7.68 12.21 23.18
C LEU A 173 -9.17 12.40 23.37
N SER A 174 -9.77 13.33 22.64
CA SER A 174 -11.23 13.43 22.62
C SER A 174 -11.74 13.12 21.24
N ILE A 175 -12.40 11.98 21.10
CA ILE A 175 -12.86 11.51 19.80
C ILE A 175 -14.38 11.49 19.71
N VAL A 176 -15.02 10.86 20.68
CA VAL A 176 -16.47 10.69 20.66
C VAL A 176 -17.22 12.03 20.61
N LEU A 177 -16.82 12.99 21.43
CA LEU A 177 -17.48 14.29 21.45
C LEU A 177 -17.08 15.19 20.27
N GLU A 178 -15.93 14.91 19.68
CA GLU A 178 -15.40 15.77 18.62
C GLU A 178 -15.80 15.32 17.22
N PHE A 179 -16.12 14.05 17.06
CA PHE A 179 -16.42 13.53 15.73
C PHE A 179 -17.76 12.79 15.66
N PRO A 180 -18.87 13.51 15.88
CA PRO A 180 -20.18 12.83 15.91
C PRO A 180 -20.60 12.17 14.60
N LYS A 181 -20.16 12.68 13.44
CA LYS A 181 -20.48 12.03 12.17
C LYS A 181 -19.80 10.68 12.06
N LEU A 182 -18.61 10.58 12.63
CA LEU A 182 -17.91 9.30 12.62
C LEU A 182 -18.56 8.35 13.61
N MET A 183 -19.06 8.88 14.72
CA MET A 183 -19.76 8.03 15.69
C MET A 183 -21.04 7.48 15.06
N ALA A 184 -21.74 8.32 14.30
CA ALA A 184 -22.99 7.89 13.69
C ALA A 184 -22.72 6.83 12.62
N TRP A 185 -21.64 7.05 11.87
CA TRP A 185 -21.20 6.09 10.85
C TRP A 185 -20.91 4.74 11.47
N ALA A 186 -20.20 4.74 12.59
CA ALA A 186 -19.88 3.49 13.25
C ALA A 186 -21.16 2.77 13.72
N GLN A 187 -22.10 3.50 14.32
CA GLN A 187 -23.39 2.94 14.69
C GLN A 187 -24.07 2.26 13.51
N ARG A 188 -24.00 2.91 12.35
CA ARG A 188 -24.52 2.36 11.11
C ARG A 188 -23.88 1.02 10.80
N CYS A 189 -22.55 1.02 10.78
CA CYS A 189 -21.81 -0.18 10.41
C CYS A 189 -22.10 -1.31 11.38
N LEU A 190 -22.30 -0.99 12.66
CA LEU A 190 -22.48 -2.02 13.69
C LEU A 190 -23.76 -2.82 13.52
N LYS A 191 -24.69 -2.32 12.72
CA LYS A 191 -25.92 -3.07 12.45
C LYS A 191 -25.68 -4.28 11.55
N ARG A 192 -24.56 -4.27 10.82
CA ARG A 192 -24.21 -5.43 9.99
C ARG A 192 -23.64 -6.55 10.88
N GLU A 193 -24.12 -7.77 10.67
CA GLU A 193 -23.69 -8.88 11.52
C GLU A 193 -22.17 -9.10 11.46
N SER A 194 -21.59 -8.91 10.27
CA SER A 194 -20.13 -9.04 10.07
C SER A 194 -19.36 -8.12 11.00
N VAL A 195 -19.76 -6.86 11.04
CA VAL A 195 -19.11 -5.88 11.89
C VAL A 195 -19.37 -6.16 13.37
N ALA A 196 -20.61 -6.46 13.73
CA ALA A 196 -20.96 -6.77 15.12
C ALA A 196 -20.16 -7.96 15.65
N LYS A 197 -19.97 -8.98 14.81
CA LYS A 197 -19.17 -10.14 15.21
C LYS A 197 -17.69 -9.81 15.36
N ALA A 198 -17.18 -8.92 14.51
CA ALA A 198 -15.74 -8.73 14.40
C ALA A 198 -15.18 -7.84 15.50
N LEU A 199 -15.92 -6.77 15.82
CA LEU A 199 -15.41 -5.79 16.77
C LEU A 199 -15.60 -6.26 18.20
N PRO A 200 -14.50 -6.30 18.96
CA PRO A 200 -14.54 -6.61 20.39
C PRO A 200 -15.04 -5.42 21.20
N ASP A 201 -15.43 -5.69 22.43
CA ASP A 201 -15.92 -4.66 23.35
C ASP A 201 -14.84 -3.62 23.63
N SER A 202 -15.22 -2.34 23.57
CA SER A 202 -14.26 -1.25 23.76
C SER A 202 -13.55 -1.26 25.11
N ASP A 203 -14.24 -1.66 26.18
CA ASP A 203 -13.64 -1.73 27.51
C ASP A 203 -12.64 -2.88 27.59
N LYS A 204 -12.95 -3.96 26.89
CA LYS A 204 -12.02 -5.10 26.81
C LYS A 204 -10.70 -4.71 26.15
N VAL A 205 -10.77 -3.96 25.06
CA VAL A 205 -9.58 -3.48 24.40
C VAL A 205 -8.81 -2.59 25.37
N LEU A 206 -9.50 -1.67 26.05
CA LEU A 206 -8.84 -0.77 26.98
C LEU A 206 -8.11 -1.55 28.08
N LYS A 207 -8.79 -2.54 28.64
CA LYS A 207 -8.20 -3.37 29.71
C LYS A 207 -6.92 -4.05 29.23
N SER A 208 -6.93 -4.53 27.99
CA SER A 208 -5.78 -5.22 27.43
C SER A 208 -4.57 -4.29 27.31
N VAL A 209 -4.83 -3.04 26.93
CA VAL A 209 -3.77 -2.07 26.77
C VAL A 209 -3.25 -1.57 28.11
N SER A 210 -4.15 -1.42 29.08
CA SER A 210 -3.79 -0.91 30.40
C SER A 210 -2.88 -1.88 31.13
N ASP A 211 -3.12 -3.16 30.92
CA ASP A 211 -2.25 -4.19 31.43
C ASP A 211 -0.84 -4.01 30.88
N HIS A 212 -0.74 -3.76 29.57
CA HIS A 212 0.55 -3.59 28.91
C HIS A 212 1.28 -2.34 29.40
N ARG A 213 0.55 -1.24 29.57
CA ARG A 213 1.13 -0.01 30.11
C ARG A 213 1.38 -0.18 31.61
N GLU B 4 -9.35 12.32 -22.64
CA GLU B 4 -8.19 13.10 -22.24
C GLU B 4 -7.50 12.49 -21.03
N ILE B 5 -6.19 12.32 -21.13
CA ILE B 5 -5.39 11.82 -20.02
C ILE B 5 -4.16 12.68 -19.82
N ILE B 6 -4.01 13.21 -18.61
CA ILE B 6 -2.80 13.93 -18.25
C ILE B 6 -2.05 13.19 -17.17
N LEU B 7 -0.72 13.10 -17.31
CA LEU B 7 0.12 12.54 -16.25
C LEU B 7 1.07 13.62 -15.72
N LEU B 8 0.93 13.95 -14.45
CA LEU B 8 1.87 14.84 -13.76
C LEU B 8 2.96 13.97 -13.13
N ASP B 9 4.21 14.21 -13.49
CA ASP B 9 5.28 13.26 -13.18
C ASP B 9 6.62 13.96 -13.02
N TYR B 10 7.60 13.21 -12.54
CA TYR B 10 8.97 13.69 -12.43
C TYR B 10 9.84 12.67 -13.16
N TRP B 11 10.68 13.13 -14.09
CA TRP B 11 11.36 12.23 -15.04
C TRP B 11 12.09 11.05 -14.37
N ALA B 12 12.74 11.31 -13.25
CA ALA B 12 13.52 10.27 -12.57
C ALA B 12 12.73 9.48 -11.51
N SER B 13 11.41 9.68 -11.45
CA SER B 13 10.61 8.98 -10.47
C SER B 13 10.30 7.55 -10.88
N MET B 14 10.80 6.58 -10.11
CA MET B 14 10.50 5.18 -10.41
C MET B 14 9.01 4.85 -10.23
N TYR B 15 8.30 5.66 -9.45
CA TYR B 15 6.87 5.47 -9.25
C TYR B 15 6.11 5.99 -10.46
N GLY B 16 6.47 7.19 -10.91
CA GLY B 16 5.94 7.73 -12.14
C GLY B 16 6.20 6.81 -13.32
N MET B 17 7.38 6.19 -13.35
CA MET B 17 7.73 5.28 -14.42
C MET B 17 6.72 4.13 -14.56
N ARG B 18 6.16 3.68 -13.44
CA ARG B 18 5.18 2.62 -13.46
C ARG B 18 3.97 3.02 -14.30
N THR B 19 3.50 4.22 -14.07
CA THR B 19 2.27 4.68 -14.73
C THR B 19 2.56 4.96 -16.21
N ARG B 20 3.72 5.54 -16.49
CA ARG B 20 4.18 5.68 -17.86
C ARG B 20 4.15 4.34 -18.60
N ILE B 21 4.67 3.32 -17.95
CA ILE B 21 4.73 2.00 -18.54
C ILE B 21 3.32 1.42 -18.77
N ALA B 22 2.45 1.57 -17.78
CA ALA B 22 1.10 1.04 -17.89
C ALA B 22 0.36 1.71 -19.03
N LEU B 23 0.53 3.02 -19.17
CA LEU B 23 -0.16 3.75 -20.23
C LEU B 23 0.29 3.28 -21.61
N GLU B 24 1.60 3.11 -21.76
CA GLU B 24 2.17 2.64 -23.02
C GLU B 24 1.82 1.17 -23.31
N GLU B 25 1.74 0.35 -22.27
CA GLU B 25 1.29 -1.04 -22.46
C GLU B 25 -0.10 -1.08 -23.11
N LYS B 26 -0.94 -0.09 -22.77
CA LYS B 26 -2.30 -0.05 -23.30
C LYS B 26 -2.42 0.75 -24.59
N LYS B 27 -1.30 1.34 -25.03
CA LYS B 27 -1.27 2.15 -26.25
C LYS B 27 -2.24 3.32 -26.24
N VAL B 28 -2.44 3.92 -25.07
CA VAL B 28 -3.28 5.11 -25.02
C VAL B 28 -2.42 6.37 -25.17
N LYS B 29 -3.00 7.37 -25.83
CA LYS B 29 -2.35 8.68 -25.93
C LYS B 29 -2.62 9.48 -24.67
N TYR B 30 -1.63 10.25 -24.24
CA TYR B 30 -1.77 11.04 -23.02
C TYR B 30 -0.79 12.20 -23.03
N GLU B 31 -1.11 13.24 -22.28
CA GLU B 31 -0.19 14.35 -22.11
C GLU B 31 0.67 14.17 -20.87
N TYR B 32 1.97 14.11 -21.08
CA TYR B 32 2.93 14.07 -19.97
C TYR B 32 3.32 15.49 -19.58
N ARG B 33 3.28 15.80 -18.29
CA ARG B 33 3.71 17.10 -17.79
C ARG B 33 4.74 16.94 -16.68
N GLU B 34 5.93 17.48 -16.90
CA GLU B 34 7.01 17.45 -15.93
C GLU B 34 6.76 18.43 -14.78
N GLU B 35 6.78 17.92 -13.55
CA GLU B 35 6.65 18.74 -12.36
C GLU B 35 8.01 19.07 -11.74
N ASP B 36 8.17 20.32 -11.32
CA ASP B 36 9.26 20.75 -10.45
C ASP B 36 8.84 20.52 -9.01
N LEU B 37 9.44 19.52 -8.35
CA LEU B 37 8.97 19.10 -7.03
C LEU B 37 9.32 20.09 -5.91
N SER B 38 10.20 21.04 -6.22
CA SER B 38 10.52 22.12 -5.28
C SER B 38 9.63 23.34 -5.56
N ASN B 39 8.83 23.25 -6.62
CA ASN B 39 7.94 24.34 -7.01
C ASN B 39 6.68 23.73 -7.68
N LYS B 40 5.87 23.05 -6.87
CA LYS B 40 4.76 22.24 -7.38
C LYS B 40 3.66 23.08 -8.02
N SER B 41 3.09 22.55 -9.10
CA SER B 41 2.07 23.27 -9.86
C SER B 41 0.77 23.39 -9.08
N PRO B 42 -0.04 24.41 -9.40
CA PRO B 42 -1.38 24.51 -8.81
C PRO B 42 -2.21 23.26 -9.11
N LEU B 43 -2.10 22.74 -10.33
CA LEU B 43 -2.84 21.55 -10.71
C LEU B 43 -2.46 20.37 -9.81
N LEU B 44 -1.15 20.17 -9.61
CA LEU B 44 -0.68 19.09 -8.75
C LEU B 44 -1.26 19.21 -7.34
N LEU B 45 -1.22 20.41 -6.78
CA LEU B 45 -1.72 20.62 -5.43
C LEU B 45 -3.25 20.45 -5.36
N GLN B 46 -3.94 20.88 -6.41
CA GLN B 46 -5.39 20.72 -6.47
C GLN B 46 -5.81 19.25 -6.56
N MET B 47 -5.04 18.46 -7.33
CA MET B 47 -5.43 17.11 -7.69
C MET B 47 -4.98 16.06 -6.69
N ASN B 48 -3.88 16.34 -6.00
CA ASN B 48 -3.42 15.46 -4.92
C ASN B 48 -3.19 16.26 -3.63
N PRO B 49 -4.26 16.84 -3.06
CA PRO B 49 -4.09 17.69 -1.89
C PRO B 49 -3.63 16.89 -0.68
N ILE B 50 -3.99 15.61 -0.64
CA ILE B 50 -3.63 14.74 0.48
C ILE B 50 -2.12 14.51 0.57
N HIS B 51 -1.52 14.00 -0.51
CA HIS B 51 -0.10 13.65 -0.46
C HIS B 51 0.81 14.68 -1.13
N LYS B 52 0.26 15.45 -2.07
CA LYS B 52 1.03 16.43 -2.85
C LYS B 52 2.22 15.78 -3.54
N LYS B 53 2.02 14.57 -4.04
CA LYS B 53 3.09 13.81 -4.69
C LYS B 53 2.74 13.51 -6.14
N ILE B 54 3.76 13.27 -6.94
CA ILE B 54 3.57 12.73 -8.27
C ILE B 54 3.87 11.24 -8.12
N PRO B 55 3.45 10.41 -9.07
CA PRO B 55 2.63 10.72 -10.25
C PRO B 55 1.16 11.00 -9.91
N VAL B 56 0.56 11.93 -10.64
CA VAL B 56 -0.89 12.08 -10.60
C VAL B 56 -1.45 11.82 -11.98
N LEU B 57 -2.41 10.91 -12.06
CA LEU B 57 -3.06 10.60 -13.32
C LEU B 57 -4.41 11.31 -13.36
N ILE B 58 -4.63 12.12 -14.39
CA ILE B 58 -5.88 12.87 -14.52
C ILE B 58 -6.64 12.44 -15.75
N HIS B 59 -7.79 11.79 -15.52
CA HIS B 59 -8.56 11.17 -16.58
C HIS B 59 -9.90 11.85 -16.68
N GLU B 60 -10.14 12.50 -17.81
CA GLU B 60 -11.34 13.29 -18.01
C GLU B 60 -11.56 14.27 -16.85
N GLY B 61 -10.47 14.85 -16.36
CA GLY B 61 -10.56 15.84 -15.30
C GLY B 61 -10.57 15.30 -13.88
N LYS B 62 -10.60 13.98 -13.73
CA LYS B 62 -10.65 13.34 -12.41
C LYS B 62 -9.30 12.70 -12.03
N PRO B 63 -8.80 13.00 -10.82
CA PRO B 63 -7.51 12.53 -10.33
C PRO B 63 -7.51 11.13 -9.76
N ILE B 64 -6.44 10.40 -10.07
CA ILE B 64 -6.17 9.10 -9.45
C ILE B 64 -4.77 9.21 -8.89
N CYS B 65 -4.62 8.98 -7.60
CA CYS B 65 -3.31 9.09 -6.96
C CYS B 65 -2.81 7.72 -6.54
N GLU B 66 -1.49 7.63 -6.36
CA GLU B 66 -0.73 6.41 -5.97
C GLU B 66 -0.45 5.53 -7.18
N SER B 67 0.84 5.33 -7.46
CA SER B 67 1.24 4.69 -8.71
C SER B 67 0.65 3.30 -8.91
N ILE B 68 0.67 2.45 -7.89
CA ILE B 68 0.17 1.08 -8.09
C ILE B 68 -1.35 1.09 -8.32
N ILE B 69 -2.04 2.01 -7.65
CA ILE B 69 -3.49 2.16 -7.85
C ILE B 69 -3.74 2.64 -9.28
N GLN B 70 -2.90 3.54 -9.77
CA GLN B 70 -3.02 4.00 -11.15
C GLN B 70 -2.84 2.87 -12.17
N VAL B 71 -1.86 2.01 -11.94
CA VAL B 71 -1.61 0.91 -12.86
C VAL B 71 -2.83 -0.02 -12.94
N GLN B 72 -3.40 -0.34 -11.79
CA GLN B 72 -4.59 -1.19 -11.73
C GLN B 72 -5.79 -0.52 -12.39
N TYR B 73 -5.92 0.79 -12.17
CA TYR B 73 -6.96 1.57 -12.83
C TYR B 73 -6.84 1.47 -14.34
N ILE B 74 -5.62 1.68 -14.82
CA ILE B 74 -5.35 1.61 -16.25
C ILE B 74 -5.62 0.19 -16.76
N ASP B 75 -5.23 -0.81 -15.99
CA ASP B 75 -5.46 -2.19 -16.40
C ASP B 75 -6.95 -2.52 -16.49
N GLU B 76 -7.73 -2.02 -15.52
CA GLU B 76 -9.15 -2.34 -15.44
C GLU B 76 -9.95 -1.58 -16.47
N LEU B 77 -9.44 -0.44 -16.93
CA LEU B 77 -10.08 0.31 -18.02
C LEU B 77 -9.85 -0.35 -19.35
N TRP B 78 -8.64 -0.87 -19.55
CA TRP B 78 -8.30 -1.53 -20.82
C TRP B 78 -7.72 -2.90 -20.59
N PRO B 79 -8.56 -3.85 -20.14
CA PRO B 79 -8.16 -5.19 -19.70
C PRO B 79 -7.75 -6.14 -20.83
N ASP B 80 -8.14 -5.83 -22.06
CA ASP B 80 -7.95 -6.74 -23.19
C ASP B 80 -6.68 -6.47 -23.97
N THR B 81 -6.07 -5.32 -23.70
CA THR B 81 -4.79 -4.97 -24.33
C THR B 81 -3.67 -5.12 -23.33
N ASN B 82 -2.77 -6.06 -23.59
CA ASN B 82 -1.65 -6.32 -22.67
C ASN B 82 -2.07 -6.32 -21.20
N PRO B 83 -2.91 -7.30 -20.81
CA PRO B 83 -3.33 -7.39 -19.41
C PRO B 83 -2.14 -7.42 -18.48
N ILE B 84 -2.19 -6.60 -17.44
CA ILE B 84 -1.06 -6.47 -16.52
C ILE B 84 -1.21 -7.43 -15.34
N LEU B 85 -2.36 -7.39 -14.67
CA LEU B 85 -2.58 -8.28 -13.54
C LEU B 85 -3.06 -9.65 -14.03
N PRO B 86 -2.72 -10.71 -13.27
CA PRO B 86 -3.22 -12.05 -13.55
C PRO B 86 -4.74 -12.10 -13.51
N SER B 87 -5.36 -13.07 -14.16
CA SER B 87 -6.80 -13.20 -14.09
C SER B 87 -7.24 -14.00 -12.86
N ASP B 88 -6.37 -14.88 -12.40
CA ASP B 88 -6.64 -15.70 -11.21
C ASP B 88 -6.57 -14.88 -9.91
N PRO B 89 -7.62 -14.93 -9.09
CA PRO B 89 -7.62 -14.13 -7.85
C PRO B 89 -6.42 -14.40 -6.95
N TYR B 90 -6.03 -15.65 -6.73
CA TYR B 90 -4.87 -15.91 -5.86
C TYR B 90 -3.60 -15.30 -6.41
N GLN B 91 -3.32 -15.53 -7.69
CA GLN B 91 -2.13 -14.96 -8.31
C GLN B 91 -2.17 -13.44 -8.29
N ARG B 92 -3.37 -12.88 -8.43
CA ARG B 92 -3.55 -11.44 -8.37
C ARG B 92 -3.24 -10.92 -6.95
N ALA B 93 -3.70 -11.64 -5.94
CA ALA B 93 -3.38 -11.29 -4.55
C ALA B 93 -1.87 -11.30 -4.30
N GLN B 94 -1.17 -12.27 -4.89
CA GLN B 94 0.28 -12.37 -4.74
C GLN B 94 0.98 -11.24 -5.46
N ALA B 95 0.51 -10.86 -6.65
CA ALA B 95 1.11 -9.73 -7.35
C ALA B 95 0.97 -8.47 -6.51
N ARG B 96 -0.22 -8.25 -5.96
CA ARG B 96 -0.46 -7.09 -5.10
C ARG B 96 0.43 -7.09 -3.88
N PHE B 97 0.63 -8.28 -3.29
CA PHE B 97 1.47 -8.39 -2.12
C PHE B 97 2.89 -7.93 -2.40
N TRP B 98 3.46 -8.41 -3.51
CA TRP B 98 4.84 -8.09 -3.82
C TRP B 98 4.99 -6.63 -4.24
N ALA B 99 3.98 -6.06 -4.91
CA ALA B 99 4.04 -4.64 -5.21
C ALA B 99 3.98 -3.83 -3.91
N ASP B 100 3.16 -4.29 -2.97
CA ASP B 100 3.05 -3.62 -1.67
C ASP B 100 4.37 -3.72 -0.90
N TYR B 101 4.96 -4.91 -0.92
CA TYR B 101 6.25 -5.16 -0.31
C TYR B 101 7.29 -4.15 -0.83
N ILE B 102 7.40 -4.01 -2.14
CA ILE B 102 8.35 -3.05 -2.72
C ILE B 102 8.10 -1.62 -2.22
N ASP B 103 6.84 -1.17 -2.28
CA ASP B 103 6.45 0.16 -1.83
C ASP B 103 6.89 0.40 -0.39
N LYS B 104 6.59 -0.56 0.49
CA LYS B 104 6.85 -0.38 1.91
C LYS B 104 8.33 -0.38 2.24
N LYS B 105 9.08 -1.26 1.58
CA LYS B 105 10.48 -1.47 1.95
C LYS B 105 11.45 -0.52 1.28
N THR B 106 11.04 0.06 0.16
CA THR B 106 11.96 0.94 -0.56
C THR B 106 11.74 2.41 -0.32
N TYR B 107 10.55 2.77 0.17
CA TYR B 107 10.19 4.19 0.18
C TYR B 107 11.19 5.08 0.93
N VAL B 108 11.51 4.71 2.17
CA VAL B 108 12.49 5.47 2.93
C VAL B 108 13.95 5.16 2.54
N PRO B 109 14.34 3.86 2.51
CA PRO B 109 15.76 3.59 2.20
C PRO B 109 16.24 4.18 0.87
N CYS B 110 15.43 4.10 -0.18
CA CYS B 110 15.86 4.54 -1.49
C CYS B 110 15.94 6.06 -1.54
N LYS B 111 15.15 6.74 -0.72
CA LYS B 111 15.32 8.16 -0.57
C LYS B 111 16.65 8.46 0.11
N ALA B 112 16.96 7.70 1.17
CA ALA B 112 18.17 7.98 1.94
C ALA B 112 19.43 7.56 1.19
N LEU B 113 19.29 6.59 0.28
CA LEU B 113 20.44 6.12 -0.48
C LEU B 113 21.14 7.27 -1.19
N TRP B 114 20.37 8.17 -1.82
CA TRP B 114 20.98 9.25 -2.57
C TRP B 114 20.97 10.60 -1.87
N SER B 115 20.08 10.79 -0.91
CA SER B 115 19.93 12.10 -0.28
C SER B 115 20.67 12.21 1.04
N GLU B 116 21.10 11.08 1.60
CA GLU B 116 21.76 11.10 2.90
C GLU B 116 23.20 10.62 2.79
N SER B 117 23.91 10.79 3.89
CA SER B 117 25.24 10.24 4.07
C SER B 117 25.25 9.68 5.48
N GLY B 118 26.41 9.24 5.97
CA GLY B 118 26.54 8.79 7.35
C GLY B 118 25.62 7.66 7.75
N GLU B 119 25.09 7.74 8.97
CA GLU B 119 24.30 6.68 9.58
C GLU B 119 22.99 6.35 8.83
N LYS B 120 22.29 7.37 8.39
CA LYS B 120 21.02 7.15 7.69
C LYS B 120 21.25 6.44 6.36
N GLN B 121 22.31 6.83 5.66
CA GLN B 121 22.61 6.17 4.39
C GLN B 121 23.04 4.74 4.62
N GLU B 122 23.80 4.51 5.68
CA GLU B 122 24.25 3.16 6.03
C GLU B 122 23.06 2.24 6.31
N ALA B 123 22.09 2.73 7.09
CA ALA B 123 20.89 1.96 7.37
C ALA B 123 20.17 1.61 6.08
N ALA B 124 20.12 2.57 5.17
CA ALA B 124 19.38 2.42 3.92
C ALA B 124 20.02 1.36 3.04
N LYS B 125 21.34 1.30 3.07
CA LYS B 125 22.06 0.31 2.26
C LYS B 125 21.70 -1.10 2.69
N ILE B 126 21.73 -1.32 3.99
CA ILE B 126 21.35 -2.61 4.55
C ILE B 126 19.93 -2.99 4.15
N GLU B 127 19.01 -2.04 4.23
CA GLU B 127 17.62 -2.33 3.92
C GLU B 127 17.43 -2.63 2.43
N PHE B 128 18.07 -1.85 1.57
CA PHE B 128 17.88 -2.05 0.14
C PHE B 128 18.55 -3.34 -0.36
N ILE B 129 19.68 -3.71 0.25
CA ILE B 129 20.33 -4.97 -0.13
C ILE B 129 19.39 -6.12 0.23
N GLU B 130 18.73 -5.98 1.38
CA GLU B 130 17.74 -6.96 1.82
C GLU B 130 16.56 -7.08 0.85
N VAL B 131 16.12 -5.95 0.30
CA VAL B 131 15.07 -5.95 -0.72
C VAL B 131 15.53 -6.70 -1.96
N LEU B 132 16.76 -6.41 -2.42
CA LEU B 132 17.28 -7.06 -3.62
C LEU B 132 17.35 -8.58 -3.42
N LYS B 133 17.85 -9.02 -2.28
CA LYS B 133 17.97 -10.44 -1.99
C LYS B 133 16.59 -11.10 -1.94
N THR B 134 15.63 -10.43 -1.32
CA THR B 134 14.29 -10.97 -1.24
C THR B 134 13.63 -11.05 -2.63
N LEU B 135 13.72 -9.98 -3.42
CA LEU B 135 13.17 -10.00 -4.77
C LEU B 135 13.88 -11.00 -5.67
N ASP B 136 15.21 -11.10 -5.52
CA ASP B 136 15.96 -12.10 -6.28
C ASP B 136 15.43 -13.52 -5.98
N SER B 137 15.17 -13.80 -4.71
CA SER B 137 14.68 -15.12 -4.31
CA SER B 137 14.67 -15.11 -4.31
C SER B 137 13.28 -15.37 -4.88
N GLU B 138 12.43 -14.36 -4.85
CA GLU B 138 11.06 -14.47 -5.35
C GLU B 138 11.03 -14.66 -6.86
N LEU B 139 11.86 -13.90 -7.58
CA LEU B 139 11.98 -14.06 -9.03
C LEU B 139 12.41 -15.49 -9.40
N GLY B 140 13.37 -16.02 -8.67
CA GLY B 140 13.86 -17.37 -8.92
C GLY B 140 14.42 -17.54 -10.32
N ASP B 141 13.95 -18.57 -11.03
CA ASP B 141 14.40 -18.83 -12.39
C ASP B 141 13.34 -18.48 -13.43
N LYS B 142 12.32 -17.73 -13.01
CA LYS B 142 11.28 -17.28 -13.92
C LYS B 142 11.77 -16.09 -14.77
N TYR B 143 11.15 -15.89 -15.93
CA TYR B 143 11.54 -14.78 -16.80
C TYR B 143 11.12 -13.45 -16.18
N TYR B 144 9.97 -13.47 -15.51
CA TYR B 144 9.41 -12.26 -14.90
C TYR B 144 8.90 -12.56 -13.50
N PHE B 145 8.71 -11.53 -12.67
CA PHE B 145 8.05 -11.73 -11.39
C PHE B 145 6.65 -12.31 -11.66
N GLY B 146 6.04 -11.89 -12.77
CA GLY B 146 4.76 -12.42 -13.19
C GLY B 146 4.80 -13.81 -13.82
N GLY B 147 5.91 -14.51 -13.73
CA GLY B 147 6.03 -15.83 -14.29
C GLY B 147 6.59 -15.81 -15.68
N ASN B 148 5.84 -16.33 -16.63
CA ASN B 148 6.22 -16.35 -18.04
C ASN B 148 6.00 -15.04 -18.76
N GLU B 149 5.19 -14.17 -18.18
CA GLU B 149 4.89 -12.91 -18.83
C GLU B 149 5.03 -11.70 -17.90
N PHE B 150 5.44 -10.59 -18.50
CA PHE B 150 5.54 -9.27 -17.84
C PHE B 150 4.27 -8.90 -17.08
N GLY B 151 4.38 -8.56 -15.80
CA GLY B 151 3.19 -8.27 -15.00
C GLY B 151 3.35 -7.11 -14.02
N LEU B 152 2.45 -7.04 -13.05
CA LEU B 152 2.40 -5.93 -12.10
C LEU B 152 3.69 -5.73 -11.32
N VAL B 153 4.24 -6.82 -10.79
CA VAL B 153 5.44 -6.70 -9.96
C VAL B 153 6.65 -6.26 -10.82
N ASP B 154 6.69 -6.70 -12.08
CA ASP B 154 7.74 -6.25 -12.99
C ASP B 154 7.62 -4.74 -13.18
N ILE B 155 6.41 -4.26 -13.44
CA ILE B 155 6.19 -2.82 -13.54
C ILE B 155 6.56 -2.12 -12.23
N ALA B 156 6.23 -2.73 -11.11
CA ALA B 156 6.47 -2.09 -9.81
C ALA B 156 7.95 -1.91 -9.52
N PHE B 157 8.81 -2.78 -10.05
CA PHE B 157 10.23 -2.66 -9.69
C PHE B 157 11.15 -2.16 -10.82
N ILE B 158 10.74 -2.29 -12.07
CA ILE B 158 11.70 -2.07 -13.16
C ILE B 158 12.27 -0.66 -13.17
N GLY B 159 11.47 0.33 -12.75
CA GLY B 159 11.98 1.71 -12.72
C GLY B 159 13.21 1.88 -11.84
N PHE B 160 13.32 1.04 -10.80
CA PHE B 160 14.47 1.10 -9.90
C PHE B 160 15.75 0.75 -10.64
N TYR B 161 15.64 -0.02 -11.71
CA TYR B 161 16.83 -0.37 -12.49
C TYR B 161 17.58 0.88 -12.95
N SER B 162 16.85 1.92 -13.30
CA SER B 162 17.48 3.13 -13.83
C SER B 162 18.31 3.83 -12.73
N TRP B 163 18.13 3.39 -11.48
CA TRP B 163 18.88 3.93 -10.35
C TRP B 163 20.02 3.04 -9.83
N PHE B 164 20.14 1.81 -10.34
CA PHE B 164 21.15 0.88 -9.82
C PHE B 164 22.55 1.48 -9.86
N ARG B 165 22.94 2.06 -10.99
CA ARG B 165 24.27 2.65 -11.11
C ARG B 165 24.47 3.78 -10.10
N THR B 166 23.44 4.60 -9.92
CA THR B 166 23.50 5.67 -8.94
C THR B 166 23.75 5.12 -7.52
N TYR B 167 23.00 4.10 -7.14
CA TYR B 167 23.15 3.51 -5.81
C TYR B 167 24.54 2.93 -5.65
N GLU B 168 25.05 2.28 -6.70
CA GLU B 168 26.40 1.73 -6.64
C GLU B 168 27.43 2.81 -6.41
N GLU B 169 27.29 3.92 -7.11
CA GLU B 169 28.29 4.96 -7.05
C GLU B 169 28.19 5.82 -5.80
N VAL B 170 26.98 6.26 -5.45
CA VAL B 170 26.86 7.23 -4.35
C VAL B 170 26.68 6.56 -2.99
N ALA B 171 26.33 5.28 -3.00
CA ALA B 171 26.12 4.56 -1.73
C ALA B 171 27.08 3.38 -1.56
N ASN B 172 28.02 3.22 -2.48
CA ASN B 172 29.01 2.14 -2.43
C ASN B 172 28.36 0.76 -2.32
N LEU B 173 27.29 0.57 -3.08
CA LEU B 173 26.62 -0.71 -3.15
C LEU B 173 27.17 -1.52 -4.30
N SER B 174 27.10 -2.85 -4.22
CA SER B 174 27.42 -3.68 -5.38
C SER B 174 26.16 -4.40 -5.79
N ILE B 175 25.59 -3.99 -6.92
CA ILE B 175 24.32 -4.56 -7.34
C ILE B 175 24.47 -5.37 -8.62
N VAL B 176 25.09 -4.77 -9.62
CA VAL B 176 25.21 -5.37 -10.93
C VAL B 176 25.92 -6.73 -10.88
N LEU B 177 27.06 -6.79 -10.20
CA LEU B 177 27.79 -8.06 -10.14
C LEU B 177 27.19 -9.03 -9.13
N GLU B 178 26.40 -8.54 -8.16
CA GLU B 178 25.91 -9.44 -7.12
C GLU B 178 24.56 -10.07 -7.45
N PHE B 179 23.79 -9.41 -8.32
CA PHE B 179 22.46 -9.93 -8.64
C PHE B 179 22.27 -10.11 -10.14
N PRO B 180 23.02 -11.05 -10.75
CA PRO B 180 22.93 -11.23 -12.20
C PRO B 180 21.55 -11.66 -12.70
N LYS B 181 20.76 -12.37 -11.90
CA LYS B 181 19.41 -12.74 -12.32
C LYS B 181 18.50 -11.53 -12.43
N LEU B 182 18.72 -10.55 -11.55
CA LEU B 182 17.94 -9.32 -11.59
C LEU B 182 18.38 -8.47 -12.76
N MET B 183 19.67 -8.47 -13.05
CA MET B 183 20.17 -7.73 -14.21
C MET B 183 19.58 -8.31 -15.50
N ALA B 184 19.50 -9.63 -15.58
CA ALA B 184 19.00 -10.29 -16.78
C ALA B 184 17.50 -10.00 -16.95
N TRP B 185 16.79 -10.04 -15.82
CA TRP B 185 15.38 -9.68 -15.79
C TRP B 185 15.19 -8.25 -16.28
N ALA B 186 16.02 -7.34 -15.78
CA ALA B 186 15.89 -5.95 -16.21
C ALA B 186 16.11 -5.84 -17.72
N GLN B 187 17.13 -6.53 -18.23
CA GLN B 187 17.42 -6.54 -19.67
CA GLN B 187 17.39 -6.50 -19.68
C GLN B 187 16.22 -7.07 -20.46
N ARG B 188 15.56 -8.09 -19.92
CA ARG B 188 14.34 -8.63 -20.53
C ARG B 188 13.28 -7.53 -20.64
N CYS B 189 13.01 -6.89 -19.52
CA CYS B 189 11.96 -5.87 -19.47
C CYS B 189 12.26 -4.70 -20.40
N LEU B 190 13.53 -4.37 -20.54
CA LEU B 190 13.95 -3.20 -21.31
C LEU B 190 13.67 -3.35 -22.80
N LYS B 191 13.44 -4.57 -23.27
CA LYS B 191 13.13 -4.80 -24.66
C LYS B 191 11.72 -4.34 -25.02
N ARG B 192 10.88 -4.18 -24.01
CA ARG B 192 9.52 -3.69 -24.23
C ARG B 192 9.58 -2.18 -24.44
N GLU B 193 8.89 -1.69 -25.47
CA GLU B 193 8.93 -0.27 -25.80
C GLU B 193 8.38 0.60 -24.65
N SER B 194 7.37 0.09 -23.94
CA SER B 194 6.81 0.82 -22.79
C SER B 194 7.92 1.11 -21.78
N VAL B 195 8.68 0.08 -21.42
CA VAL B 195 9.77 0.23 -20.47
C VAL B 195 10.91 1.09 -21.01
N ALA B 196 11.32 0.85 -22.26
CA ALA B 196 12.38 1.64 -22.90
C ALA B 196 12.05 3.13 -22.95
N LYS B 197 10.79 3.45 -23.24
CA LYS B 197 10.33 4.83 -23.23
C LYS B 197 10.32 5.45 -21.83
N ALA B 198 9.98 4.66 -20.82
CA ALA B 198 9.72 5.22 -19.50
C ALA B 198 11.00 5.47 -18.71
N LEU B 199 11.95 4.55 -18.79
CA LEU B 199 13.15 4.65 -17.96
C LEU B 199 14.15 5.61 -18.56
N PRO B 200 14.62 6.58 -17.75
CA PRO B 200 15.67 7.50 -18.21
C PRO B 200 17.00 6.80 -18.20
N ASP B 201 17.96 7.35 -18.93
CA ASP B 201 19.29 6.78 -18.99
C ASP B 201 19.91 6.78 -17.60
N SER B 202 20.53 5.65 -17.27
CA SER B 202 21.20 5.42 -15.98
CA SER B 202 21.15 5.46 -15.96
C SER B 202 22.22 6.51 -15.66
N ASP B 203 22.97 6.95 -16.67
CA ASP B 203 23.99 7.98 -16.48
C ASP B 203 23.38 9.33 -16.18
N LYS B 204 22.22 9.59 -16.79
CA LYS B 204 21.47 10.82 -16.53
C LYS B 204 21.05 10.92 -15.07
N VAL B 205 20.50 9.82 -14.55
CA VAL B 205 20.10 9.79 -13.15
C VAL B 205 21.33 10.03 -12.29
N LEU B 206 22.42 9.32 -12.59
CA LEU B 206 23.63 9.42 -11.79
C LEU B 206 24.18 10.85 -11.78
N LYS B 207 24.26 11.48 -12.95
CA LYS B 207 24.73 12.85 -13.03
C LYS B 207 23.87 13.81 -12.21
N SER B 208 22.54 13.66 -12.30
CA SER B 208 21.64 14.54 -11.57
C SER B 208 21.80 14.36 -10.05
N VAL B 209 21.95 13.12 -9.61
CA VAL B 209 22.02 12.85 -8.18
C VAL B 209 23.37 13.30 -7.63
N SER B 210 24.44 13.09 -8.39
CA SER B 210 25.77 13.51 -7.92
C SER B 210 25.87 15.02 -7.85
N ASP B 211 25.23 15.69 -8.80
CA ASP B 211 25.16 17.15 -8.79
C ASP B 211 24.45 17.63 -7.52
N HIS B 212 23.36 16.96 -7.18
CA HIS B 212 22.60 17.33 -6.00
C HIS B 212 23.42 17.15 -4.73
N ARG B 213 24.18 16.07 -4.69
CA ARG B 213 25.00 15.77 -3.54
C ARG B 213 26.18 16.72 -3.42
N LYS B 214 26.75 17.13 -4.55
CA LYS B 214 27.81 18.12 -4.51
C LYS B 214 27.28 19.44 -3.96
N ILE B 215 26.17 19.89 -4.51
CA ILE B 215 25.65 21.22 -4.19
C ILE B 215 25.00 21.28 -2.80
N ILE B 216 24.18 20.29 -2.48
CA ILE B 216 23.42 20.30 -1.23
C ILE B 216 24.19 19.63 -0.09
N LEU B 217 25.14 18.76 -0.42
CA LEU B 217 25.91 18.05 0.60
C LEU B 217 27.42 18.12 0.36
N1 GSH C . -0.32 -4.08 6.86
CA1 GSH C . -0.67 -5.23 7.67
C1 GSH C . -2.10 -5.59 7.36
O11 GSH C . -2.51 -6.79 7.45
O12 GSH C . -2.88 -4.66 7.00
CB1 GSH C . -0.56 -4.85 9.13
CG1 GSH C . -0.95 -6.00 10.05
CD1 GSH C . -0.41 -5.81 11.47
OE1 GSH C . 0.19 -4.80 11.78
N2 GSH C . -0.64 -6.84 12.42
CA2 GSH C . -0.17 -6.74 13.76
C2 GSH C . 0.95 -7.74 13.97
O2 GSH C . 0.91 -8.85 13.47
CB2 GSH C . -1.29 -7.04 14.74
SG2 GSH C . -2.44 -5.68 14.76
N3 GSH C . 2.07 -7.42 14.77
CA3 GSH C . 3.06 -8.44 14.92
C3 GSH C . 4.16 -7.98 15.85
O31 GSH C . 3.96 -7.05 16.68
O32 GSH C . 5.29 -8.55 15.79
C1 GOL D . -3.13 -3.39 17.75
O1 GOL D . -2.91 -4.78 17.72
C2 GOL D . -1.92 -2.65 17.19
O2 GOL D . -1.27 -3.47 16.23
C3 GOL D . -2.38 -1.38 16.49
O3 GOL D . -1.77 -0.26 17.09
C1 GOL E . 4.20 -14.07 2.96
O1 GOL E . 5.35 -13.52 3.57
C2 GOL E . 4.31 -14.17 1.44
O2 GOL E . 5.57 -14.71 1.07
C3 GOL E . 3.19 -15.03 0.88
O3 GOL E . 2.09 -14.21 0.54
MG MG F . -20.54 -1.00 -2.95
N1 GSH G . 3.38 6.04 -2.90
CA1 GSH G . 3.58 7.00 -3.93
C1 GSH G . 3.32 6.33 -5.26
O11 GSH G . 3.51 5.07 -5.38
O12 GSH G . 2.87 7.01 -6.21
CB1 GSH G . 5.00 7.55 -3.87
CG1 GSH G . 5.18 8.64 -4.92
CD1 GSH G . 6.35 9.54 -4.60
OE1 GSH G . 7.04 9.35 -3.60
N2 GSH G . 6.64 10.64 -5.45
CA2 GSH G . 7.73 11.52 -5.19
C2 GSH G . 7.20 12.90 -4.89
O2 GSH G . 6.29 13.36 -5.55
CB2 GSH G . 8.58 11.61 -6.43
SG2 GSH G . 9.51 10.11 -6.64
N3 GSH G . 7.74 13.69 -3.85
CA3 GSH G . 7.19 14.99 -3.65
C3 GSH G . 7.35 15.36 -2.20
O31 GSH G . 7.30 14.45 -1.33
O32 GSH G . 7.53 16.56 -1.88
C1 GOL H . -6.09 13.11 -4.05
O1 GOL H . -5.43 13.49 -2.85
C2 GOL H . -7.58 12.90 -3.84
O2 GOL H . -7.95 13.25 -2.52
C3 GOL H . -7.93 11.44 -4.11
O3 GOL H . -7.38 11.03 -5.35
C1 GOL I . 13.73 8.58 -4.95
O1 GOL I . 13.91 8.59 -3.55
C2 GOL I . 13.12 9.90 -5.39
O2 GOL I . 11.76 9.91 -5.02
C3 GOL I . 13.23 10.02 -6.90
O3 GOL I . 12.42 11.10 -7.33
#